data_7BU4
#
_entry.id   7BU4
#
_cell.length_a   48.27
_cell.length_b   82.82
_cell.length_c   79.132
_cell.angle_alpha   90.0
_cell.angle_beta   90.0
_cell.angle_gamma   90.0
#
_symmetry.space_group_name_H-M   'P 21 21 21'
#
loop_
_entity.id
_entity.type
_entity.pdbx_description
1 polymer 'Casein Kinase 2 subunit alpha'
2 non-polymer '4-(6-aminocarbonyl-8-oxidanylidene-9-phenyl-7H-purin-2-yl)benzoic acid'
3 water water
#
_entity_poly.entity_id   1
_entity_poly.type   'polypeptide(L)'
_entity_poly.pdbx_seq_one_letter_code
;GPLGSMSGPVPSRARVYTDVNTHRPREYWDYESHVVEWGNQDDYQLVRKLGRGKYSEVFEAINITNNEKVVVKILKPVKK
KKIKREIKILENLRGGPNIITLADIVKDPVSRTPALVFEHVNNTDFKQLYQTLTDYDIRFYMYEILKALDYCHSMGIMHR
DVKPHNVMIDHEHRKLRLIDWGLAEFYHPGQEYNVRVASRYFKGPELLVDYQMYDYSLDMWSLGCMLASMIFRKEPFFHG
HDNYDQLVRIAKVLGTEDLYDYIDKYNIELDPRFNDILGRHSRKRWERFVHSENQHLVSPEALDFLDKLLRYDHQSRLTA
REAMEHPYFYTVVKDQARMG
;
_entity_poly.pdbx_strand_id   A
#
loop_
_chem_comp.id
_chem_comp.type
_chem_comp.name
_chem_comp.formula
Y49 non-polymer '4-(6-aminocarbonyl-8-oxidanylidene-9-phenyl-7H-purin-2-yl)benzoic acid' 'C19 H13 N5 O4'
#
# COMPACT_ATOMS: atom_id res chain seq x y z
N SER A 7 -31.74 -2.15 -8.93
CA SER A 7 -31.20 -0.96 -8.28
C SER A 7 -30.12 -1.31 -7.26
N GLY A 8 -28.97 -1.75 -7.76
CA GLY A 8 -27.81 -1.99 -6.91
C GLY A 8 -26.86 -0.82 -7.03
N PRO A 9 -25.60 -0.99 -6.59
CA PRO A 9 -24.62 0.10 -6.60
C PRO A 9 -24.25 0.52 -8.02
N VAL A 10 -23.99 1.81 -8.21
CA VAL A 10 -23.48 2.32 -9.47
C VAL A 10 -22.06 1.80 -9.74
N PRO A 11 -21.79 1.31 -10.96
CA PRO A 11 -20.43 0.87 -11.28
C PRO A 11 -19.43 2.04 -11.32
N SER A 12 -18.16 1.70 -11.28
CA SER A 12 -17.07 2.67 -11.24
C SER A 12 -15.90 2.10 -12.05
N ARG A 13 -15.06 2.96 -12.61
CA ARG A 13 -13.80 2.44 -13.13
C ARG A 13 -12.72 3.45 -12.80
N ALA A 14 -11.46 2.99 -12.80
CA ALA A 14 -10.34 3.88 -12.53
C ALA A 14 -10.33 5.04 -13.50
N ARG A 15 -10.01 6.23 -13.01
CA ARG A 15 -9.98 7.38 -13.92
C ARG A 15 -8.61 7.55 -14.58
N VAL A 16 -7.64 6.75 -14.14
CA VAL A 16 -6.34 6.67 -14.80
C VAL A 16 -5.90 5.21 -14.97
N TYR A 17 -5.08 4.95 -15.99
CA TYR A 17 -4.54 3.60 -16.21
C TYR A 17 -5.64 2.55 -16.28
N THR A 18 -6.78 2.98 -16.79
CA THR A 18 -7.99 2.15 -16.77
C THR A 18 -7.80 0.84 -17.52
N ASP A 19 -7.13 0.91 -18.67
CA ASP A 19 -7.06 -0.21 -19.59
C ASP A 19 -5.65 -0.72 -19.82
N VAL A 20 -4.76 -0.48 -18.87
CA VAL A 20 -3.38 -0.86 -19.12
C VAL A 20 -3.25 -2.37 -19.30
N ASN A 21 -4.06 -3.16 -18.59
CA ASN A 21 -3.98 -4.60 -18.81
C ASN A 21 -4.71 -5.01 -20.08
N THR A 22 -5.73 -4.24 -20.44
CA THR A 22 -6.49 -4.47 -21.68
C THR A 22 -5.61 -4.45 -22.92
N HIS A 23 -4.65 -3.53 -22.96
CA HIS A 23 -3.79 -3.39 -24.13
C HIS A 23 -2.46 -4.10 -23.99
N ARG A 24 -2.35 -5.01 -23.03
CA ARG A 24 -1.15 -5.84 -22.91
C ARG A 24 -1.47 -7.27 -23.32
N PRO A 25 -0.43 -8.03 -23.74
CA PRO A 25 -0.61 -9.45 -24.08
C PRO A 25 -1.21 -10.24 -22.92
N ARG A 26 -1.99 -11.26 -23.23
CA ARG A 26 -2.61 -12.09 -22.21
C ARG A 26 -1.61 -12.56 -21.16
N GLU A 27 -0.42 -12.94 -21.61
CA GLU A 27 0.59 -13.50 -20.70
C GLU A 27 1.01 -12.51 -19.61
N TYR A 28 0.78 -11.22 -19.81
CA TYR A 28 1.16 -10.24 -18.79
C TYR A 28 0.29 -10.37 -17.55
N TRP A 29 -1.03 -10.51 -17.75
CA TRP A 29 -1.94 -10.49 -16.62
C TRP A 29 -2.51 -11.87 -16.30
N ASP A 30 -2.30 -12.84 -17.18
CA ASP A 30 -2.84 -14.18 -16.99
C ASP A 30 -1.84 -14.97 -16.18
N TYR A 31 -1.85 -14.80 -14.87
CA TYR A 31 -0.82 -15.39 -14.03
C TYR A 31 -1.03 -16.88 -13.82
N GLU A 32 -2.26 -17.34 -14.05
CA GLU A 32 -2.55 -18.77 -13.93
C GLU A 32 -1.86 -19.56 -15.03
N SER A 33 -1.63 -18.91 -16.16
CA SER A 33 -0.94 -19.53 -17.29
C SER A 33 0.57 -19.47 -17.13
N HIS A 34 1.03 -18.75 -16.12
CA HIS A 34 2.46 -18.52 -15.92
C HIS A 34 3.19 -19.81 -15.54
N VAL A 35 4.28 -20.09 -16.23
CA VAL A 35 5.11 -21.23 -15.87
C VAL A 35 6.34 -20.73 -15.14
N VAL A 36 6.56 -21.26 -13.95
CA VAL A 36 7.62 -20.77 -13.09
C VAL A 36 8.94 -21.46 -13.41
N GLU A 37 10.01 -20.69 -13.54
CA GLU A 37 11.35 -21.26 -13.59
C GLU A 37 11.95 -21.18 -12.19
N TRP A 38 12.25 -22.33 -11.60
CA TRP A 38 12.73 -22.39 -10.23
C TRP A 38 14.24 -22.36 -10.15
N GLY A 39 14.77 -21.57 -9.22
CA GLY A 39 16.19 -21.57 -8.90
C GLY A 39 16.52 -22.74 -8.00
N ASN A 40 17.68 -22.66 -7.33
CA ASN A 40 18.16 -23.77 -6.53
C ASN A 40 18.04 -23.52 -5.03
N GLN A 41 17.27 -24.37 -4.37
CA GLN A 41 17.01 -24.22 -2.95
C GLN A 41 18.30 -24.27 -2.11
N ASP A 42 19.29 -25.01 -2.59
CA ASP A 42 20.53 -25.25 -1.85
C ASP A 42 21.51 -24.07 -1.93
N ASP A 43 21.14 -23.00 -2.62
CA ASP A 43 21.93 -21.76 -2.62
C ASP A 43 21.71 -20.94 -1.35
N TYR A 44 20.68 -21.28 -0.55
CA TYR A 44 20.27 -20.43 0.56
C TYR A 44 20.25 -21.14 1.90
N GLN A 45 20.85 -20.51 2.90
CA GLN A 45 20.83 -21.02 4.27
C GLN A 45 20.03 -20.10 5.18
N LEU A 46 19.07 -20.67 5.91
CA LEU A 46 18.26 -19.86 6.81
C LEU A 46 19.03 -19.50 8.09
N VAL A 47 19.00 -18.24 8.48
CA VAL A 47 19.73 -17.77 9.65
C VAL A 47 18.85 -17.55 10.88
N ARG A 48 17.72 -16.86 10.70
CA ARG A 48 16.80 -16.61 11.79
C ARG A 48 15.43 -16.25 11.26
N LYS A 49 14.41 -16.59 12.03
CA LYS A 49 13.03 -16.26 11.67
C LYS A 49 12.78 -14.79 11.99
N LEU A 50 12.24 -14.06 11.01
CA LEU A 50 11.94 -12.63 11.20
C LEU A 50 10.49 -12.41 11.57
N GLY A 51 9.61 -13.28 11.09
CA GLY A 51 8.21 -13.13 11.40
C GLY A 51 7.36 -14.19 10.73
N ARG A 52 6.06 -14.10 10.93
CA ARG A 52 5.15 -15.03 10.30
C ARG A 52 3.78 -14.41 10.13
N GLY A 53 3.13 -14.74 9.01
CA GLY A 53 1.76 -14.34 8.79
C GLY A 53 0.87 -15.56 8.69
N LYS A 54 -0.40 -15.33 8.36
CA LYS A 54 -1.38 -16.39 8.13
C LYS A 54 -0.88 -17.38 7.09
N TYR A 55 -0.04 -16.86 6.20
CA TYR A 55 0.21 -17.40 4.87
C TYR A 55 1.64 -17.91 4.68
N SER A 56 2.55 -17.48 5.55
CA SER A 56 3.96 -17.72 5.30
C SER A 56 4.81 -17.42 6.52
N GLU A 57 6.07 -17.81 6.45
CA GLU A 57 7.06 -17.40 7.43
C GLU A 57 8.23 -16.77 6.71
N VAL A 58 8.82 -15.77 7.34
CA VAL A 58 9.85 -14.99 6.69
C VAL A 58 11.12 -15.10 7.49
N PHE A 59 12.22 -15.39 6.80
CA PHE A 59 13.53 -15.62 7.45
C PHE A 59 14.59 -14.71 6.89
N GLU A 60 15.51 -14.25 7.74
CA GLU A 60 16.79 -13.77 7.25
C GLU A 60 17.57 -14.99 6.79
N ALA A 61 18.24 -14.86 5.64
CA ALA A 61 18.99 -15.96 5.05
C ALA A 61 20.28 -15.47 4.43
N ILE A 62 21.15 -16.41 4.07
CA ILE A 62 22.38 -16.09 3.35
C ILE A 62 22.43 -16.83 2.02
N ASN A 63 22.76 -16.11 0.95
CA ASN A 63 23.07 -16.75 -0.32
C ASN A 63 24.49 -17.28 -0.24
N ILE A 64 24.67 -18.59 -0.21
CA ILE A 64 26.00 -19.14 0.06
C ILE A 64 26.90 -19.11 -1.16
N THR A 65 26.39 -18.70 -2.32
CA THR A 65 27.23 -18.60 -3.49
C THR A 65 28.04 -17.30 -3.46
N ASN A 66 27.51 -16.28 -2.80
CA ASN A 66 28.18 -14.98 -2.82
C ASN A 66 28.20 -14.31 -1.46
N ASN A 67 27.68 -15.02 -0.47
CA ASN A 67 27.67 -14.59 0.91
C ASN A 67 26.86 -13.31 1.17
N GLU A 68 25.89 -13.03 0.33
CA GLU A 68 25.00 -11.88 0.53
C GLU A 68 23.79 -12.27 1.38
N LYS A 69 23.38 -11.39 2.30
CA LYS A 69 22.09 -11.54 3.00
C LYS A 69 20.92 -11.41 2.03
N VAL A 70 19.90 -12.23 2.24
CA VAL A 70 18.62 -12.12 1.55
C VAL A 70 17.51 -12.40 2.56
N VAL A 71 16.27 -12.29 2.09
CA VAL A 71 15.13 -12.64 2.91
C VAL A 71 14.33 -13.69 2.16
N VAL A 72 13.98 -14.77 2.87
CA VAL A 72 13.28 -15.89 2.28
C VAL A 72 11.89 -15.98 2.88
N LYS A 73 10.87 -16.00 2.03
CA LYS A 73 9.49 -16.12 2.49
C LYS A 73 8.97 -17.48 2.05
N ILE A 74 8.76 -18.36 3.03
CA ILE A 74 8.31 -19.71 2.74
C ILE A 74 6.80 -19.76 2.80
N LEU A 75 6.17 -20.24 1.74
CA LEU A 75 4.72 -20.17 1.62
C LEU A 75 4.09 -21.45 2.17
N LYS A 76 3.18 -21.26 3.12
CA LYS A 76 2.42 -22.37 3.67
C LYS A 76 1.44 -22.88 2.60
N PRO A 77 0.97 -24.12 2.74
CA PRO A 77 0.24 -24.70 1.60
C PRO A 77 -1.12 -24.05 1.32
N VAL A 78 -1.09 -22.85 0.75
CA VAL A 78 -2.31 -22.14 0.39
C VAL A 78 -2.57 -22.34 -1.10
N LYS A 79 -3.52 -21.56 -1.61
CA LYS A 79 -3.93 -21.61 -2.99
C LYS A 79 -2.75 -21.39 -3.93
N LYS A 80 -2.51 -22.36 -4.80
CA LYS A 80 -1.46 -22.25 -5.81
C LYS A 80 -1.73 -21.01 -6.67
N LYS A 81 -3.00 -20.67 -6.82
CA LYS A 81 -3.39 -19.49 -7.59
C LYS A 81 -2.77 -18.21 -7.00
N LYS A 82 -2.82 -18.08 -5.68
CA LYS A 82 -2.34 -16.83 -5.06
C LYS A 82 -0.82 -16.74 -5.12
N ILE A 83 -0.16 -17.89 -5.09
CA ILE A 83 1.29 -17.91 -5.24
C ILE A 83 1.75 -17.46 -6.63
N LYS A 84 1.09 -18.00 -7.66
CA LYS A 84 1.38 -17.61 -9.03
C LYS A 84 1.07 -16.13 -9.26
N ARG A 85 0.00 -15.65 -8.65
CA ARG A 85 -0.36 -14.24 -8.79
C ARG A 85 0.74 -13.35 -8.23
N GLU A 86 1.21 -13.66 -7.03
CA GLU A 86 2.23 -12.84 -6.40
C GLU A 86 3.56 -12.91 -7.17
N ILE A 87 3.95 -14.12 -7.60
CA ILE A 87 5.15 -14.25 -8.43
C ILE A 87 5.05 -13.44 -9.73
N LYS A 88 3.92 -13.53 -10.42
CA LYS A 88 3.77 -12.82 -11.69
C LYS A 88 3.86 -11.31 -11.50
N ILE A 89 3.19 -10.82 -10.45
CA ILE A 89 3.22 -9.39 -10.11
C ILE A 89 4.64 -8.93 -9.79
N LEU A 90 5.35 -9.71 -8.98
CA LEU A 90 6.71 -9.35 -8.60
C LEU A 90 7.64 -9.33 -9.81
N GLU A 91 7.50 -10.32 -10.70
CA GLU A 91 8.28 -10.33 -11.93
C GLU A 91 7.92 -9.17 -12.85
N ASN A 92 6.63 -8.89 -12.99
CA ASN A 92 6.20 -7.77 -13.83
C ASN A 92 6.78 -6.43 -13.36
N LEU A 93 6.87 -6.24 -12.05
CA LEU A 93 7.29 -4.96 -11.45
C LEU A 93 8.76 -4.88 -11.15
N ARG A 94 9.48 -5.97 -11.39
CA ARG A 94 10.88 -6.02 -10.99
C ARG A 94 11.68 -4.94 -11.72
N GLY A 95 12.51 -4.22 -10.96
CA GLY A 95 13.29 -3.13 -11.51
C GLY A 95 12.63 -1.78 -11.36
N GLY A 96 11.34 -1.77 -11.03
CA GLY A 96 10.62 -0.52 -10.84
C GLY A 96 11.13 0.24 -9.62
N PRO A 97 10.89 1.55 -9.59
CA PRO A 97 11.44 2.36 -8.50
C PRO A 97 10.89 1.96 -7.13
N ASN A 98 11.80 1.57 -6.24
CA ASN A 98 11.47 1.27 -4.85
C ASN A 98 10.55 0.05 -4.67
N ILE A 99 10.46 -0.77 -5.71
CA ILE A 99 9.76 -2.05 -5.63
C ILE A 99 10.73 -3.09 -5.11
N ILE A 100 10.33 -3.85 -4.10
CA ILE A 100 11.23 -4.88 -3.56
C ILE A 100 11.61 -5.85 -4.69
N THR A 101 12.89 -6.21 -4.75
CA THR A 101 13.37 -7.10 -5.80
C THR A 101 13.23 -8.56 -5.42
N LEU A 102 12.44 -9.29 -6.20
CA LEU A 102 12.39 -10.73 -6.13
C LEU A 102 13.65 -11.29 -6.78
N ALA A 103 14.58 -11.78 -5.96
CA ALA A 103 15.87 -12.24 -6.48
C ALA A 103 15.87 -13.69 -6.98
N ASP A 104 14.96 -14.51 -6.43
CA ASP A 104 14.91 -15.92 -6.78
C ASP A 104 13.59 -16.54 -6.32
N ILE A 105 13.24 -17.67 -6.92
CA ILE A 105 12.10 -18.47 -6.49
C ILE A 105 12.60 -19.92 -6.40
N VAL A 106 12.38 -20.58 -5.26
CA VAL A 106 12.85 -21.95 -5.11
C VAL A 106 11.77 -22.84 -4.53
N LYS A 107 11.95 -24.14 -4.72
CA LYS A 107 11.04 -25.12 -4.17
C LYS A 107 11.84 -26.22 -3.51
N ASP A 108 11.24 -26.94 -2.57
CA ASP A 108 11.81 -28.20 -2.12
C ASP A 108 11.43 -29.21 -3.20
N PRO A 109 12.42 -29.90 -3.78
CA PRO A 109 12.09 -30.85 -4.84
C PRO A 109 11.28 -32.03 -4.31
N VAL A 110 11.48 -32.33 -3.03
CA VAL A 110 10.84 -33.48 -2.39
C VAL A 110 9.45 -33.12 -1.82
N SER A 111 9.38 -32.05 -1.04
CA SER A 111 8.13 -31.68 -0.39
C SER A 111 7.27 -30.72 -1.22
N ARG A 112 7.85 -30.12 -2.26
CA ARG A 112 7.17 -29.21 -3.19
C ARG A 112 6.78 -27.85 -2.60
N THR A 113 7.25 -27.56 -1.39
CA THR A 113 7.02 -26.27 -0.76
C THR A 113 7.83 -25.15 -1.43
N PRO A 114 7.14 -24.09 -1.90
CA PRO A 114 7.87 -22.99 -2.56
C PRO A 114 8.30 -21.85 -1.63
N ALA A 115 9.31 -21.10 -2.06
CA ALA A 115 9.81 -19.96 -1.31
C ALA A 115 10.21 -18.85 -2.25
N LEU A 116 9.98 -17.62 -1.83
CA LEU A 116 10.38 -16.43 -2.58
C LEU A 116 11.60 -15.86 -1.89
N VAL A 117 12.59 -15.46 -2.67
CA VAL A 117 13.82 -14.92 -2.14
C VAL A 117 13.93 -13.46 -2.56
N PHE A 118 14.07 -12.58 -1.57
CA PHE A 118 14.09 -11.14 -1.79
C PHE A 118 15.41 -10.51 -1.42
N GLU A 119 15.74 -9.40 -2.06
CA GLU A 119 16.87 -8.59 -1.62
C GLU A 119 16.67 -8.23 -0.16
N HIS A 120 17.77 -8.15 0.59
CA HIS A 120 17.67 -7.81 2.00
C HIS A 120 17.62 -6.29 2.20
N VAL A 121 16.73 -5.86 3.08
CA VAL A 121 16.69 -4.46 3.45
C VAL A 121 16.94 -4.32 4.94
N ASN A 122 17.99 -3.59 5.31
CA ASN A 122 18.31 -3.41 6.71
C ASN A 122 17.43 -2.31 7.32
N ASN A 123 16.19 -2.63 7.65
CA ASN A 123 15.29 -1.52 7.98
C ASN A 123 15.47 -0.97 9.39
N THR A 124 15.33 0.34 9.48
CA THR A 124 15.59 1.07 10.71
C THR A 124 14.51 0.77 11.74
N ASP A 125 14.93 0.67 13.01
CA ASP A 125 14.14 0.13 14.12
C ASP A 125 12.66 0.52 14.21
N PHE A 126 12.38 1.82 14.05
CA PHE A 126 11.05 2.49 14.05
C PHE A 126 10.92 3.45 15.23
N LYS A 127 11.22 2.98 16.44
CA LYS A 127 11.26 3.87 17.58
C LYS A 127 12.35 4.91 17.33
N GLN A 128 13.40 4.49 16.64
CA GLN A 128 14.45 5.40 16.19
C GLN A 128 13.92 6.35 15.11
N LEU A 129 13.27 5.81 14.07
CA LEU A 129 12.71 6.65 13.02
C LEU A 129 11.70 7.66 13.57
N TYR A 130 10.85 7.21 14.47
CA TYR A 130 9.81 8.05 15.07
C TYR A 130 10.40 9.25 15.79
N GLN A 131 11.61 9.11 16.30
CA GLN A 131 12.22 10.16 17.08
C GLN A 131 13.10 11.11 16.27
N THR A 132 13.41 10.77 15.03
CA THR A 132 14.39 11.57 14.29
C THR A 132 13.99 11.99 12.88
N LEU A 133 12.94 11.39 12.31
CA LEU A 133 12.49 11.81 10.98
C LEU A 133 12.13 13.29 11.00
N THR A 134 12.76 14.04 10.11
CA THR A 134 12.46 15.46 9.93
C THR A 134 11.35 15.68 8.90
N ASP A 135 10.86 16.90 8.83
CA ASP A 135 9.93 17.34 7.78
C ASP A 135 10.45 16.94 6.40
N TYR A 136 11.71 17.26 6.10
CA TYR A 136 12.29 16.89 4.81
C TYR A 136 12.31 15.37 4.60
N ASP A 137 12.71 14.64 5.63
CA ASP A 137 12.75 13.18 5.57
C ASP A 137 11.40 12.61 5.12
N ILE A 138 10.33 13.14 5.73
CA ILE A 138 9.00 12.62 5.43
C ILE A 138 8.60 12.94 3.99
N ARG A 139 8.87 14.17 3.56
CA ARG A 139 8.61 14.53 2.18
C ARG A 139 9.38 13.61 1.22
N PHE A 140 10.63 13.35 1.52
CA PHE A 140 11.46 12.51 0.68
C PHE A 140 10.89 11.11 0.56
N TYR A 141 10.58 10.51 1.71
CA TYR A 141 10.14 9.11 1.69
C TYR A 141 8.74 9.01 1.11
N MET A 142 7.91 10.03 1.32
CA MET A 142 6.58 10.02 0.69
C MET A 142 6.71 10.04 -0.83
N TYR A 143 7.63 10.86 -1.33
CA TYR A 143 7.88 10.93 -2.76
C TYR A 143 8.30 9.57 -3.30
N GLU A 144 9.21 8.91 -2.58
CA GLU A 144 9.73 7.60 -3.00
C GLU A 144 8.63 6.53 -3.00
N ILE A 145 7.72 6.57 -2.03
CA ILE A 145 6.55 5.67 -2.02
C ILE A 145 5.67 5.93 -3.24
N LEU A 146 5.43 7.20 -3.52
CA LEU A 146 4.63 7.58 -4.69
C LEU A 146 5.25 7.10 -6.00
N LYS A 147 6.57 7.15 -6.11
CA LYS A 147 7.22 6.59 -7.29
C LYS A 147 6.82 5.15 -7.51
N ALA A 148 6.85 4.38 -6.42
CA ALA A 148 6.51 2.96 -6.45
C ALA A 148 5.05 2.74 -6.82
N LEU A 149 4.17 3.53 -6.23
CA LEU A 149 2.75 3.35 -6.50
C LEU A 149 2.39 3.83 -7.91
N ASP A 150 2.96 4.93 -8.37
CA ASP A 150 2.67 5.32 -9.73
C ASP A 150 3.14 4.24 -10.70
N TYR A 151 4.30 3.64 -10.39
CA TYR A 151 4.81 2.61 -11.25
C TYR A 151 3.89 1.39 -11.28
N CYS A 152 3.53 0.84 -10.11
CA CYS A 152 2.77 -0.40 -10.16
C CYS A 152 1.38 -0.11 -10.74
N HIS A 153 0.82 1.05 -10.42
CA HIS A 153 -0.47 1.43 -11.01
C HIS A 153 -0.38 1.55 -12.53
N SER A 154 0.72 2.12 -13.02
CA SER A 154 0.89 2.29 -14.46
C SER A 154 1.08 0.95 -15.12
N MET A 155 1.48 -0.03 -14.30
CA MET A 155 1.69 -1.41 -14.74
C MET A 155 0.47 -2.27 -14.47
N GLY A 156 -0.66 -1.61 -14.20
CA GLY A 156 -1.94 -2.29 -14.04
C GLY A 156 -2.15 -3.10 -12.77
N ILE A 157 -1.44 -2.75 -11.70
CA ILE A 157 -1.48 -3.52 -10.47
C ILE A 157 -1.86 -2.65 -9.27
N MET A 158 -2.77 -3.15 -8.43
CA MET A 158 -3.14 -2.51 -7.16
C MET A 158 -2.35 -3.22 -6.07
N HIS A 159 -1.76 -2.49 -5.14
CA HIS A 159 -1.00 -3.15 -4.07
C HIS A 159 -1.95 -3.75 -3.01
N ARG A 160 -2.89 -2.93 -2.54
CA ARG A 160 -3.97 -3.31 -1.61
C ARG A 160 -3.52 -3.65 -0.19
N ASP A 161 -2.28 -3.35 0.15
CA ASP A 161 -1.87 -3.53 1.55
C ASP A 161 -0.81 -2.49 1.92
N VAL A 162 -1.04 -1.26 1.51
CA VAL A 162 -0.12 -0.17 1.86
C VAL A 162 -0.32 0.16 3.35
N LYS A 163 0.78 0.08 4.11
CA LYS A 163 0.82 0.37 5.53
C LYS A 163 2.29 0.50 5.93
N PRO A 164 2.60 1.15 7.08
CA PRO A 164 3.99 1.35 7.47
C PRO A 164 4.81 0.07 7.52
N HIS A 165 4.21 -1.05 7.92
CA HIS A 165 5.02 -2.27 8.04
C HIS A 165 5.43 -2.79 6.67
N ASN A 166 4.73 -2.38 5.62
CA ASN A 166 5.05 -2.83 4.27
C ASN A 166 5.86 -1.80 3.50
N VAL A 167 6.34 -0.80 4.22
CA VAL A 167 7.27 0.17 3.65
C VAL A 167 8.54 0.12 4.47
N MET A 168 9.54 -0.59 3.96
CA MET A 168 10.79 -0.76 4.67
C MET A 168 11.72 0.39 4.37
N ILE A 169 12.32 0.96 5.40
CA ILE A 169 13.23 2.09 5.20
C ILE A 169 14.53 1.77 5.89
N ASP A 170 15.61 1.75 5.11
CA ASP A 170 16.97 1.66 5.65
C ASP A 170 17.47 3.10 5.67
N HIS A 171 17.24 3.78 6.79
CA HIS A 171 17.40 5.23 6.81
C HIS A 171 18.86 5.64 6.60
N GLU A 172 19.81 4.86 7.09
CA GLU A 172 21.19 5.31 6.92
C GLU A 172 21.65 5.30 5.46
N HIS A 173 20.97 4.51 4.61
CA HIS A 173 21.21 4.55 3.16
C HIS A 173 20.14 5.28 2.36
N ARG A 174 19.22 5.96 3.07
CA ARG A 174 18.08 6.64 2.49
C ARG A 174 17.43 5.75 1.46
N LYS A 175 17.17 4.51 1.87
CA LYS A 175 16.70 3.48 0.97
C LYS A 175 15.30 3.00 1.37
N LEU A 176 14.37 3.01 0.43
CA LEU A 176 13.01 2.58 0.72
C LEU A 176 12.56 1.49 -0.24
N ARG A 177 11.84 0.50 0.28
CA ARG A 177 11.22 -0.55 -0.55
C ARG A 177 9.79 -0.83 -0.10
N LEU A 178 8.89 -0.85 -1.08
CA LEU A 178 7.51 -1.33 -0.89
C LEU A 178 7.49 -2.85 -0.99
N ILE A 179 7.08 -3.52 0.09
CA ILE A 179 7.10 -4.99 0.18
C ILE A 179 5.71 -5.56 0.35
N ASP A 180 5.69 -6.87 0.56
CA ASP A 180 4.48 -7.69 0.78
C ASP A 180 3.42 -7.48 -0.29
N TRP A 181 3.67 -8.10 -1.43
CA TRP A 181 2.79 -8.00 -2.59
C TRP A 181 1.79 -9.15 -2.63
N GLY A 182 1.63 -9.83 -1.50
CA GLY A 182 0.76 -10.99 -1.41
C GLY A 182 -0.73 -10.74 -1.59
N LEU A 183 -1.16 -9.48 -1.41
CA LEU A 183 -2.58 -9.11 -1.64
C LEU A 183 -2.77 -8.37 -2.98
N ALA A 184 -1.67 -8.10 -3.67
CA ALA A 184 -1.72 -7.29 -4.88
C ALA A 184 -2.50 -8.00 -5.99
N GLU A 185 -3.10 -7.23 -6.90
CA GLU A 185 -3.97 -7.81 -7.92
C GLU A 185 -3.97 -6.94 -9.17
N PHE A 186 -4.18 -7.57 -10.33
CA PHE A 186 -4.31 -6.84 -11.59
C PHE A 186 -5.64 -6.10 -11.64
N TYR A 187 -5.59 -4.85 -12.08
CA TYR A 187 -6.83 -4.09 -12.28
C TYR A 187 -7.44 -4.34 -13.67
N HIS A 188 -8.71 -4.73 -13.68
CA HIS A 188 -9.47 -4.88 -14.91
C HIS A 188 -10.77 -4.10 -14.75
N PRO A 189 -11.08 -3.18 -15.67
CA PRO A 189 -12.25 -2.33 -15.43
C PRO A 189 -13.55 -3.11 -15.37
N GLY A 190 -14.38 -2.77 -14.39
CA GLY A 190 -15.65 -3.42 -14.16
C GLY A 190 -15.57 -4.66 -13.29
N GLN A 191 -14.35 -5.07 -12.93
CA GLN A 191 -14.17 -6.26 -12.11
C GLN A 191 -14.56 -5.98 -10.66
N GLU A 192 -15.31 -6.90 -10.04
CA GLU A 192 -15.61 -6.76 -8.63
C GLU A 192 -14.56 -7.47 -7.78
N TYR A 193 -13.92 -6.75 -6.87
CA TYR A 193 -12.84 -7.29 -6.08
C TYR A 193 -13.21 -7.56 -4.63
N ASN A 194 -12.44 -8.44 -4.01
CA ASN A 194 -12.60 -8.78 -2.60
C ASN A 194 -12.32 -7.56 -1.74
N VAL A 195 -13.23 -7.19 -0.85
CA VAL A 195 -12.99 -6.00 -0.05
C VAL A 195 -12.21 -6.32 1.23
N ARG A 196 -11.94 -7.61 1.48
CA ARG A 196 -11.15 -8.05 2.62
C ARG A 196 -9.66 -7.96 2.32
N VAL A 197 -9.20 -6.75 2.09
CA VAL A 197 -7.79 -6.49 1.87
C VAL A 197 -7.39 -5.30 2.72
N ALA A 198 -6.09 -5.05 2.82
CA ALA A 198 -5.51 -3.97 3.61
C ALA A 198 -5.72 -4.18 5.12
N SER A 199 -4.80 -3.64 5.91
CA SER A 199 -4.95 -3.61 7.37
C SER A 199 -6.13 -2.74 7.70
N ARG A 200 -6.87 -3.09 8.76
CA ARG A 200 -8.02 -2.30 9.20
C ARG A 200 -7.76 -0.79 9.19
N TYR A 201 -6.62 -0.37 9.72
CA TYR A 201 -6.36 1.06 9.89
C TYR A 201 -6.15 1.81 8.59
N PHE A 202 -5.89 1.06 7.53
CA PHE A 202 -5.52 1.62 6.23
C PHE A 202 -6.56 1.28 5.16
N LYS A 203 -7.68 0.69 5.58
CA LYS A 203 -8.77 0.39 4.67
C LYS A 203 -9.48 1.66 4.21
N GLY A 204 -9.72 1.79 2.91
CA GLY A 204 -10.46 2.93 2.41
C GLY A 204 -11.93 2.76 2.71
N PRO A 205 -12.69 3.87 2.66
CA PRO A 205 -14.14 3.82 2.85
C PRO A 205 -14.85 2.87 1.90
N GLU A 206 -14.38 2.75 0.66
CA GLU A 206 -14.99 1.80 -0.28
C GLU A 206 -14.98 0.37 0.26
N LEU A 207 -13.89 -0.05 0.89
CA LEU A 207 -13.84 -1.39 1.48
C LEU A 207 -14.81 -1.51 2.65
N LEU A 208 -14.87 -0.46 3.47
CA LEU A 208 -15.63 -0.46 4.70
C LEU A 208 -17.12 -0.47 4.44
N VAL A 209 -17.53 0.04 3.28
CA VAL A 209 -18.96 -0.04 2.93
C VAL A 209 -19.23 -1.11 1.89
N ASP A 210 -18.26 -2.01 1.69
CA ASP A 210 -18.41 -3.20 0.83
C ASP A 210 -18.67 -2.84 -0.64
N TYR A 211 -18.01 -1.79 -1.12
CA TYR A 211 -18.12 -1.43 -2.53
C TYR A 211 -16.97 -2.13 -3.25
N GLN A 212 -17.31 -3.10 -4.09
CA GLN A 212 -16.32 -4.03 -4.64
C GLN A 212 -15.63 -3.56 -5.92
N MET A 213 -16.22 -2.60 -6.63
CA MET A 213 -15.66 -2.20 -7.92
C MET A 213 -14.66 -1.06 -7.73
N TYR A 214 -13.65 -1.29 -6.90
CA TYR A 214 -12.68 -0.25 -6.56
C TYR A 214 -11.43 -0.37 -7.44
N ASP A 215 -10.45 0.53 -7.27
CA ASP A 215 -9.31 0.55 -8.18
C ASP A 215 -8.07 1.02 -7.48
N TYR A 216 -7.09 1.49 -8.25
CA TYR A 216 -5.82 1.97 -7.71
C TYR A 216 -5.97 3.00 -6.60
N SER A 217 -7.07 3.76 -6.62
CA SER A 217 -7.23 4.85 -5.66
C SER A 217 -7.34 4.34 -4.23
N LEU A 218 -7.64 3.04 -4.06
CA LEU A 218 -7.58 2.44 -2.73
C LEU A 218 -6.20 2.69 -2.08
N ASP A 219 -5.15 2.48 -2.86
CA ASP A 219 -3.78 2.64 -2.36
C ASP A 219 -3.52 4.08 -1.93
N MET A 220 -4.19 5.03 -2.58
CA MET A 220 -3.97 6.44 -2.27
C MET A 220 -4.61 6.79 -0.92
N TRP A 221 -5.76 6.19 -0.60
CA TRP A 221 -6.32 6.35 0.74
C TRP A 221 -5.33 5.86 1.79
N SER A 222 -4.85 4.63 1.60
CA SER A 222 -3.86 4.06 2.52
C SER A 222 -2.65 4.96 2.68
N LEU A 223 -2.17 5.50 1.57
CA LEU A 223 -1.03 6.45 1.64
C LEU A 223 -1.38 7.68 2.46
N GLY A 224 -2.59 8.21 2.28
CA GLY A 224 -3.01 9.37 3.06
C GLY A 224 -3.01 9.07 4.54
N CYS A 225 -3.42 7.85 4.92
CA CYS A 225 -3.43 7.47 6.34
C CYS A 225 -2.02 7.46 6.89
N MET A 226 -1.07 7.03 6.06
CA MET A 226 0.33 6.96 6.47
C MET A 226 0.88 8.36 6.66
N LEU A 227 0.55 9.24 5.71
CA LEU A 227 0.99 10.61 5.80
C LEU A 227 0.49 11.25 7.07
N ALA A 228 -0.80 11.10 7.36
CA ALA A 228 -1.38 11.66 8.57
C ALA A 228 -0.68 11.13 9.79
N SER A 229 -0.42 9.82 9.81
CA SER A 229 0.23 9.19 10.96
C SER A 229 1.61 9.80 11.16
N MET A 230 2.29 10.07 10.05
CA MET A 230 3.66 10.58 10.15
C MET A 230 3.73 12.04 10.56
N ILE A 231 2.94 12.91 9.93
CA ILE A 231 3.09 14.33 10.25
C ILE A 231 2.41 14.70 11.57
N PHE A 232 1.36 13.97 11.98
CA PHE A 232 0.70 14.25 13.25
C PHE A 232 1.28 13.44 14.40
N ARG A 233 2.19 12.51 14.08
CA ARG A 233 2.81 11.61 15.05
C ARG A 233 1.77 10.82 15.88
N LYS A 234 0.88 10.15 15.16
CA LYS A 234 -0.10 9.28 15.78
C LYS A 234 -0.27 8.08 14.86
N GLU A 235 0.28 6.93 15.25
CA GLU A 235 0.21 5.71 14.43
C GLU A 235 -0.58 4.63 15.17
N PRO A 236 -1.70 4.18 14.60
CA PRO A 236 -2.26 4.63 13.33
C PRO A 236 -3.12 5.86 13.56
N PHE A 237 -3.35 6.65 12.52
CA PHE A 237 -4.14 7.86 12.70
C PHE A 237 -5.61 7.55 12.97
N PHE A 238 -6.22 6.71 12.12
CA PHE A 238 -7.59 6.24 12.35
C PHE A 238 -7.53 4.88 13.03
N HIS A 239 -7.86 4.84 14.31
CA HIS A 239 -7.69 3.64 15.14
C HIS A 239 -9.03 3.02 15.56
N GLY A 240 -9.65 2.24 14.69
CA GLY A 240 -10.93 1.61 14.98
C GLY A 240 -10.70 0.27 15.66
N HIS A 241 -11.68 -0.23 16.41
CA HIS A 241 -11.47 -1.52 17.08
C HIS A 241 -12.03 -2.70 16.27
N ASP A 242 -12.76 -2.35 15.20
CA ASP A 242 -13.22 -3.32 14.19
C ASP A 242 -13.58 -2.55 12.93
N ASN A 243 -14.03 -3.23 11.87
CA ASN A 243 -14.26 -2.55 10.60
C ASN A 243 -15.37 -1.50 10.69
N TYR A 244 -16.43 -1.81 11.43
CA TYR A 244 -17.50 -0.83 11.65
C TYR A 244 -16.96 0.40 12.34
N ASP A 245 -16.24 0.19 13.43
CA ASP A 245 -15.69 1.29 14.21
C ASP A 245 -14.65 2.07 13.40
N GLN A 246 -13.96 1.38 12.50
CA GLN A 246 -12.97 2.04 11.64
C GLN A 246 -13.64 3.16 10.81
N LEU A 247 -14.82 2.88 10.24
CA LEU A 247 -15.51 3.91 9.48
C LEU A 247 -16.02 5.02 10.39
N VAL A 248 -16.38 4.68 11.62
CA VAL A 248 -16.75 5.70 12.58
C VAL A 248 -15.57 6.63 12.85
N ARG A 249 -14.37 6.08 13.01
CA ARG A 249 -13.20 6.93 13.27
C ARG A 249 -12.94 7.88 12.11
N ILE A 250 -13.16 7.40 10.89
CA ILE A 250 -12.96 8.25 9.71
C ILE A 250 -14.02 9.34 9.72
N ALA A 251 -15.26 8.95 9.96
CA ALA A 251 -16.36 9.92 9.93
C ALA A 251 -16.26 10.99 11.02
N LYS A 252 -15.57 10.68 12.10
CA LYS A 252 -15.42 11.67 13.16
C LYS A 252 -14.47 12.78 12.73
N VAL A 253 -13.70 12.51 11.69
CA VAL A 253 -12.76 13.50 11.19
C VAL A 253 -13.27 14.14 9.90
N LEU A 254 -13.67 13.29 8.95
CA LEU A 254 -14.12 13.75 7.64
C LEU A 254 -15.56 14.24 7.65
N GLY A 255 -16.29 13.87 8.70
CA GLY A 255 -17.70 14.25 8.82
C GLY A 255 -18.64 13.24 8.19
N THR A 256 -19.87 13.17 8.69
CA THR A 256 -20.83 12.21 8.18
C THR A 256 -21.54 12.70 6.91
N GLU A 257 -21.65 14.01 6.74
CA GLU A 257 -22.34 14.56 5.57
C GLU A 257 -21.71 14.09 4.26
N ASP A 258 -20.40 14.20 4.15
CA ASP A 258 -19.71 13.77 2.94
C ASP A 258 -19.74 12.25 2.78
N LEU A 259 -19.80 11.53 3.90
CA LEU A 259 -19.93 10.08 3.84
C LEU A 259 -21.27 9.71 3.23
N TYR A 260 -22.33 10.37 3.68
CA TYR A 260 -23.64 10.04 3.15
C TYR A 260 -23.82 10.52 1.70
N ASP A 261 -23.16 11.61 1.32
CA ASP A 261 -23.12 12.02 -0.09
C ASP A 261 -22.44 10.94 -0.93
N TYR A 262 -21.33 10.40 -0.43
CA TYR A 262 -20.62 9.31 -1.11
C TYR A 262 -21.52 8.11 -1.34
N ILE A 263 -22.13 7.65 -0.24
CA ILE A 263 -23.09 6.54 -0.26
C ILE A 263 -24.19 6.82 -1.28
N ASP A 264 -24.68 8.04 -1.26
CA ASP A 264 -25.81 8.43 -2.11
C ASP A 264 -25.42 8.38 -3.58
N LYS A 265 -24.28 8.97 -3.91
CA LYS A 265 -23.77 8.99 -5.30
C LYS A 265 -23.66 7.60 -5.92
N TYR A 266 -23.15 6.62 -5.16
CA TYR A 266 -22.93 5.29 -5.73
C TYR A 266 -24.06 4.33 -5.42
N ASN A 267 -25.15 4.84 -4.85
CA ASN A 267 -26.30 4.02 -4.50
C ASN A 267 -25.91 2.82 -3.64
N ILE A 268 -25.07 3.09 -2.64
CA ILE A 268 -24.58 2.06 -1.74
C ILE A 268 -25.57 1.87 -0.60
N GLU A 269 -25.81 0.62 -0.22
CA GLU A 269 -26.71 0.33 0.88
C GLU A 269 -25.94 -0.08 2.12
N LEU A 270 -26.14 0.63 3.21
CA LEU A 270 -25.47 0.34 4.47
C LEU A 270 -26.30 -0.57 5.35
N ASP A 271 -25.62 -1.43 6.10
CA ASP A 271 -26.19 -2.13 7.24
C ASP A 271 -26.88 -1.10 8.12
N PRO A 272 -28.18 -1.32 8.42
CA PRO A 272 -28.96 -0.40 9.24
C PRO A 272 -28.27 -0.02 10.54
N ARG A 273 -27.53 -0.96 11.13
CA ARG A 273 -26.80 -0.72 12.36
C ARG A 273 -25.71 0.34 12.19
N PHE A 274 -25.20 0.49 10.97
CA PHE A 274 -24.15 1.47 10.71
C PHE A 274 -24.62 2.88 11.00
N ASN A 275 -25.82 3.21 10.52
CA ASN A 275 -26.37 4.55 10.69
C ASN A 275 -26.53 4.92 12.17
N ASP A 276 -26.79 3.92 13.00
CA ASP A 276 -26.94 4.15 14.43
C ASP A 276 -25.60 4.49 15.07
N ILE A 277 -24.54 3.79 14.66
CA ILE A 277 -23.23 4.00 15.27
C ILE A 277 -22.43 5.11 14.58
N LEU A 278 -22.73 5.40 13.31
CA LEU A 278 -22.02 6.50 12.63
C LEU A 278 -22.44 7.83 13.24
N GLY A 279 -23.67 7.90 13.74
CA GLY A 279 -24.18 9.11 14.33
C GLY A 279 -24.12 10.30 13.39
N ARG A 280 -23.76 11.46 13.95
CA ARG A 280 -23.68 12.70 13.20
C ARG A 280 -22.43 13.45 13.64
N HIS A 281 -21.55 13.74 12.68
CA HIS A 281 -20.27 14.39 13.01
C HIS A 281 -19.90 15.47 12.00
N SER A 282 -19.49 16.63 12.51
CA SER A 282 -18.96 17.70 11.69
C SER A 282 -17.66 17.26 11.03
N ARG A 283 -17.35 17.86 9.88
CA ARG A 283 -16.04 17.71 9.30
C ARG A 283 -15.07 18.60 10.08
N LYS A 284 -13.97 18.02 10.54
CA LYS A 284 -13.01 18.77 11.36
C LYS A 284 -11.99 19.46 10.47
N ARG A 285 -11.34 20.50 11.00
CA ARG A 285 -10.20 21.08 10.30
C ARG A 285 -8.94 20.28 10.65
N TRP A 286 -8.05 20.10 9.67
CA TRP A 286 -6.81 19.35 9.93
C TRP A 286 -5.98 20.01 11.04
N GLU A 287 -6.12 21.32 11.19
CA GLU A 287 -5.44 22.07 12.24
C GLU A 287 -5.69 21.51 13.63
N ARG A 288 -6.86 20.93 13.84
CA ARG A 288 -7.23 20.31 15.10
C ARG A 288 -6.18 19.32 15.63
N PHE A 289 -5.40 18.72 14.72
CA PHE A 289 -4.48 17.66 15.10
C PHE A 289 -3.04 18.14 15.20
N VAL A 290 -2.83 19.44 14.99
CA VAL A 290 -1.51 20.06 15.11
C VAL A 290 -1.26 20.50 16.57
N HIS A 291 -0.14 20.07 17.14
CA HIS A 291 0.22 20.44 18.50
C HIS A 291 1.69 20.84 18.55
N SER A 292 2.13 21.34 19.70
CA SER A 292 3.53 21.71 19.90
C SER A 292 4.49 20.59 19.49
N GLU A 293 4.10 19.34 19.74
CA GLU A 293 4.96 18.17 19.55
C GLU A 293 5.12 17.74 18.07
N ASN A 294 4.15 18.09 17.22
CA ASN A 294 4.24 17.68 15.82
C ASN A 294 4.28 18.82 14.81
N GLN A 295 4.20 20.07 15.30
CA GLN A 295 4.02 21.18 14.37
C GLN A 295 5.19 21.37 13.42
N HIS A 296 6.37 20.90 13.83
CA HIS A 296 7.54 21.01 12.95
C HIS A 296 7.44 20.11 11.70
N LEU A 297 6.48 19.18 11.69
CA LEU A 297 6.32 18.30 10.55
C LEU A 297 5.14 18.72 9.68
N VAL A 298 4.43 19.74 10.13
CA VAL A 298 3.21 20.16 9.46
C VAL A 298 3.35 21.53 8.82
N SER A 299 2.88 21.64 7.59
CA SER A 299 2.91 22.88 6.83
C SER A 299 1.57 23.04 6.11
N PRO A 300 1.27 24.25 5.61
CA PRO A 300 0.09 24.40 4.77
C PRO A 300 0.09 23.42 3.60
N GLU A 301 1.24 23.26 2.95
CA GLU A 301 1.40 22.33 1.85
C GLU A 301 1.04 20.90 2.26
N ALA A 302 1.55 20.47 3.41
CA ALA A 302 1.27 19.12 3.91
C ALA A 302 -0.23 18.88 4.08
N LEU A 303 -0.90 19.88 4.64
CA LEU A 303 -2.31 19.75 4.95
C LEU A 303 -3.16 19.77 3.68
N ASP A 304 -2.79 20.61 2.72
CA ASP A 304 -3.50 20.64 1.43
C ASP A 304 -3.35 19.30 0.73
N PHE A 305 -2.14 18.76 0.77
CA PHE A 305 -1.85 17.46 0.16
C PHE A 305 -2.69 16.37 0.81
N LEU A 306 -2.67 16.34 2.14
CA LEU A 306 -3.40 15.33 2.89
C LEU A 306 -4.88 15.37 2.58
N ASP A 307 -5.39 16.59 2.51
CA ASP A 307 -6.80 16.82 2.27
CA ASP A 307 -6.81 16.83 2.27
C ASP A 307 -7.23 16.29 0.91
N LYS A 308 -6.29 16.25 -0.03
CA LYS A 308 -6.57 15.75 -1.38
C LYS A 308 -6.38 14.22 -1.50
N LEU A 309 -5.84 13.58 -0.47
CA LEU A 309 -5.75 12.11 -0.43
C LEU A 309 -6.92 11.50 0.30
N LEU A 310 -7.22 12.05 1.48
CA LEU A 310 -8.26 11.48 2.35
C LEU A 310 -9.61 12.07 2.01
N ARG A 311 -10.17 11.55 0.92
CA ARG A 311 -11.52 11.89 0.51
C ARG A 311 -12.32 10.62 0.39
N TYR A 312 -13.58 10.67 0.79
CA TYR A 312 -14.42 9.48 0.68
C TYR A 312 -14.51 8.98 -0.75
N ASP A 313 -14.84 9.87 -1.69
CA ASP A 313 -15.05 9.44 -3.07
C ASP A 313 -13.72 9.02 -3.68
N HIS A 314 -13.58 7.75 -3.99
CA HIS A 314 -12.33 7.25 -4.54
C HIS A 314 -11.97 7.94 -5.87
N GLN A 315 -12.99 8.39 -6.60
CA GLN A 315 -12.73 9.06 -7.87
C GLN A 315 -12.17 10.47 -7.68
N SER A 316 -12.19 10.95 -6.43
CA SER A 316 -11.80 12.33 -6.11
C SER A 316 -10.38 12.47 -5.60
N ARG A 317 -9.80 11.34 -5.24
CA ARG A 317 -8.46 11.38 -4.63
C ARG A 317 -7.39 11.67 -5.66
N LEU A 318 -6.29 12.26 -5.22
CA LEU A 318 -5.12 12.42 -6.11
C LEU A 318 -4.67 11.08 -6.66
N THR A 319 -4.25 11.06 -7.93
CA THR A 319 -3.49 9.94 -8.46
C THR A 319 -2.08 10.05 -7.91
N ALA A 320 -1.28 8.99 -8.02
CA ALA A 320 0.10 9.05 -7.54
C ALA A 320 0.88 10.11 -8.32
N ARG A 321 0.66 10.17 -9.64
CA ARG A 321 1.31 11.18 -10.48
C ARG A 321 0.94 12.58 -10.03
N GLU A 322 -0.35 12.83 -9.85
CA GLU A 322 -0.79 14.16 -9.42
C GLU A 322 -0.18 14.52 -8.08
N ALA A 323 -0.05 13.51 -7.20
CA ALA A 323 0.50 13.70 -5.87
C ALA A 323 1.94 14.17 -5.97
N MET A 324 2.70 13.53 -6.86
CA MET A 324 4.12 13.86 -7.02
C MET A 324 4.32 15.28 -7.53
N GLU A 325 3.28 15.87 -8.13
CA GLU A 325 3.37 17.22 -8.68
C GLU A 325 3.05 18.30 -7.62
N HIS A 326 2.57 17.87 -6.47
CA HIS A 326 2.12 18.80 -5.43
C HIS A 326 3.28 19.61 -4.83
N PRO A 327 3.04 20.90 -4.55
CA PRO A 327 4.06 21.78 -3.94
C PRO A 327 4.75 21.24 -2.69
N TYR A 328 4.08 20.33 -1.97
CA TYR A 328 4.70 19.71 -0.79
C TYR A 328 6.07 19.12 -1.17
N PHE A 329 6.18 18.66 -2.41
CA PHE A 329 7.41 18.03 -2.88
C PHE A 329 8.40 18.93 -3.61
N TYR A 330 8.11 20.23 -3.67
CA TYR A 330 8.97 21.14 -4.42
C TYR A 330 10.44 21.01 -4.05
N THR A 331 10.75 21.10 -2.77
CA THR A 331 12.15 21.00 -2.33
C THR A 331 12.77 19.64 -2.66
N VAL A 332 11.99 18.56 -2.51
CA VAL A 332 12.50 17.23 -2.84
C VAL A 332 12.82 17.08 -4.33
N VAL A 333 11.92 17.57 -5.19
CA VAL A 333 12.05 17.36 -6.62
C VAL A 333 13.24 18.14 -7.16
N LYS A 334 13.41 19.36 -6.68
CA LYS A 334 14.63 20.12 -6.93
C LYS A 334 15.87 19.27 -6.66
N ASP A 335 15.98 18.79 -5.43
CA ASP A 335 17.17 18.09 -4.96
C ASP A 335 17.43 16.76 -5.69
N GLN A 336 16.39 16.16 -6.27
CA GLN A 336 16.58 14.88 -6.95
C GLN A 336 16.85 15.05 -8.45
N ALA A 337 16.83 16.29 -8.92
CA ALA A 337 17.20 16.57 -10.29
C ALA A 337 18.71 16.43 -10.46
N ARG A 338 19.19 15.19 -10.44
CA ARG A 338 20.61 14.88 -10.42
C ARG A 338 21.08 14.29 -11.74
N MET A 339 22.33 14.58 -12.12
CA MET A 339 22.90 13.95 -13.30
C MET A 339 23.91 12.88 -12.91
N GLY A 340 24.11 12.75 -11.59
CA GLY A 340 24.88 11.65 -11.02
C GLY A 340 26.32 11.52 -11.48
C01 Y49 B . 10.20 -8.84 3.67
N02 Y49 B . 11.43 -8.32 3.29
N03 Y49 B . 9.80 -8.94 4.99
C04 Y49 B . 12.32 -7.95 4.25
C05 Y49 B . 10.70 -8.57 5.94
C06 Y49 B . 12.02 -8.06 5.63
N07 Y49 B . 10.59 -8.59 7.37
C08 Y49 B . 11.87 -8.08 7.82
N09 Y49 B . 12.73 -7.76 6.83
C10 Y49 B . 9.46 -9.03 8.19
C11 Y49 B . 8.43 -9.82 7.62
C12 Y49 B . 9.34 -8.68 9.53
C13 Y49 B . 7.34 -10.24 8.39
C14 Y49 B . 8.24 -9.10 10.30
C15 Y49 B . 7.23 -9.88 9.74
C16 Y49 B . 9.18 -9.21 2.60
C17 Y49 B . 9.31 -8.78 1.25
C18 Y49 B . 8.01 -9.93 2.87
C19 Y49 B . 8.35 -9.08 0.25
C20 Y49 B . 7.07 -10.22 1.88
C21 Y49 B . 7.21 -9.80 0.55
O22 Y49 B . 12.09 -7.97 9.15
C23 Y49 B . 13.67 -7.44 3.74
O24 Y49 B . 14.51 -7.05 4.53
N25 Y49 B . 13.98 -7.42 2.34
C26 Y49 B . 6.15 -10.19 -0.50
O27 Y49 B . 5.42 -11.16 -0.17
O28 Y49 B . 6.05 -9.55 -1.58
#